data_5U4Y
#
_entry.id   5U4Y
#
_cell.length_a   105.950
_cell.length_b   152.260
_cell.length_c   46.600
_cell.angle_alpha   90.00
_cell.angle_beta   90.00
_cell.angle_gamma   90.00
#
_symmetry.space_group_name_H-M   'P 21 21 2'
#
loop_
_entity.id
_entity.type
_entity.pdbx_description
1 polymer 'IgG1 fc'
2 polymer 'Immunoglobulin G-binding protein A'
3 branched beta-D-galactopyranose-(1-4)-2-acetamido-2-deoxy-beta-D-glucopyranose-(1-2)-alpha-D-mannopyranose-(1-6)-[alpha-D-mannopyranose-(1-3)]alpha-D-mannopyranose-(1-4)-2-acetamido-2-deoxy-beta-D-glucopyranose-(1-4)-[alpha-L-fucopyranose-(1-6)]2-acetamido-2-deoxy-beta-D-glucopyranose
4 branched 2-acetamido-2-deoxy-beta-D-glucopyranose-(1-2)-alpha-D-mannopyranose-(1-6)-[alpha-D-mannopyranose-(1-3)]alpha-D-mannopyranose-(1-4)-2-acetamido-2-deoxy-beta-D-glucopyranose-(1-4)-[alpha-L-fucopyranose-(1-6)]2-acetamido-2-deoxy-beta-D-glucopyranose
5 water water
#
loop_
_entity_poly.entity_id
_entity_poly.type
_entity_poly.pdbx_seq_one_letter_code
_entity_poly.pdbx_strand_id
1 'polypeptide(L)'
;LGGPSVFLFPPKPKDTLMISRTPEVTCVVVDVSHEDPEVKFNWYVDGVEVHNAKTKPREEQYNSTYRVVSVLTVLHQDWL
NGKEYKCKVSNKALPAPIEKTISKAKGQPREPQVYTLPPSREEMTKNQVSLTCLVKGFYPSDIAVEWESNGQPENNYKTT
PPVLDSDGSFFLYSKLTVDKSRWQQGNVFSCSVMHEALHNHYTQKSLSLSPG
;
A,B
2 'polypeptide(L)' MKFNKEQQNAFYEILHLPNLNEEQRNAFIQSLKDDPSQSANLLAEAKKLNDAQAP C,D
#
# COMPACT_ATOMS: atom_id res chain seq x y z
N GLY A 3 -30.58 -3.70 5.96
CA GLY A 3 -30.36 -4.50 7.16
C GLY A 3 -28.90 -4.85 7.37
N PRO A 4 -28.63 -6.14 7.58
CA PRO A 4 -27.28 -6.65 7.88
C PRO A 4 -26.40 -6.78 6.66
N SER A 5 -25.09 -6.82 6.89
CA SER A 5 -24.12 -7.01 5.82
C SER A 5 -23.24 -8.22 6.10
N VAL A 6 -22.63 -8.77 5.05
CA VAL A 6 -21.74 -9.90 5.23
C VAL A 6 -20.40 -9.67 4.54
N PHE A 7 -19.31 -10.01 5.23
CA PHE A 7 -17.98 -9.84 4.67
C PHE A 7 -17.20 -11.14 4.78
N LEU A 8 -16.57 -11.52 3.67
CA LEU A 8 -15.87 -12.79 3.58
C LEU A 8 -14.36 -12.57 3.45
N PHE A 9 -13.61 -13.17 4.37
CA PHE A 9 -12.17 -12.96 4.40
C PHE A 9 -11.40 -14.24 4.10
N PRO A 10 -10.36 -14.12 3.26
CA PRO A 10 -9.49 -15.25 2.92
C PRO A 10 -8.61 -15.64 4.10
N PRO A 11 -7.93 -16.79 4.01
CA PRO A 11 -6.96 -17.15 5.05
C PRO A 11 -5.70 -16.28 4.98
N LYS A 12 -4.90 -16.30 6.03
CA LYS A 12 -3.59 -15.64 6.00
C LYS A 12 -2.68 -16.43 5.07
N PRO A 13 -1.99 -15.72 4.17
CA PRO A 13 -1.07 -16.31 3.19
C PRO A 13 -0.17 -17.37 3.80
N LYS A 14 0.30 -17.13 5.02
CA LYS A 14 1.21 -18.06 5.68
C LYS A 14 0.51 -19.37 6.05
N ASP A 15 -0.76 -19.28 6.43
CA ASP A 15 -1.49 -20.45 6.89
C ASP A 15 -1.75 -21.45 5.77
N THR A 16 -1.92 -20.95 4.55
CA THR A 16 -2.16 -21.81 3.40
C THR A 16 -0.87 -22.42 2.89
N LEU A 17 0.25 -21.81 3.23
CA LEU A 17 1.54 -22.22 2.69
C LEU A 17 2.27 -23.19 3.62
N MET A 18 2.13 -22.99 4.92
CA MET A 18 2.79 -23.83 5.90
C MET A 18 1.86 -24.94 6.39
N ILE A 19 2.29 -26.19 6.23
CA ILE A 19 1.47 -27.34 6.58
C ILE A 19 1.27 -27.44 8.10
N SER A 20 2.19 -26.85 8.86
CA SER A 20 2.13 -26.86 10.32
C SER A 20 0.99 -25.96 10.81
N ARG A 21 0.41 -25.19 9.90
CA ARG A 21 -0.61 -24.23 10.26
C ARG A 21 -1.98 -24.58 9.68
N THR A 22 -3.02 -23.97 10.23
CA THR A 22 -4.39 -24.28 9.85
C THR A 22 -5.08 -23.07 9.24
N PRO A 23 -5.23 -23.06 7.91
CA PRO A 23 -5.90 -21.97 7.21
C PRO A 23 -7.41 -21.94 7.43
N GLU A 24 -7.98 -20.75 7.48
CA GLU A 24 -9.41 -20.57 7.69
C GLU A 24 -9.99 -19.55 6.74
N VAL A 25 -11.22 -19.79 6.29
CA VAL A 25 -11.99 -18.73 5.65
C VAL A 25 -13.01 -18.23 6.65
N THR A 26 -13.14 -16.91 6.78
CA THR A 26 -13.95 -16.34 7.85
C THR A 26 -15.10 -15.48 7.31
N CYS A 27 -16.33 -15.90 7.62
CA CYS A 27 -17.52 -15.17 7.19
C CYS A 27 -18.05 -14.35 8.35
N VAL A 28 -18.09 -13.03 8.17
CA VAL A 28 -18.49 -12.12 9.24
C VAL A 28 -19.77 -11.37 8.89
N VAL A 29 -20.78 -11.49 9.75
CA VAL A 29 -22.04 -10.80 9.54
C VAL A 29 -22.20 -9.63 10.50
N VAL A 30 -22.44 -8.45 9.95
CA VAL A 30 -22.59 -7.24 10.76
C VAL A 30 -23.97 -6.61 10.57
N ASP A 31 -24.29 -5.62 11.42
CA ASP A 31 -25.60 -4.97 11.43
C ASP A 31 -26.72 -5.97 11.70
N VAL A 32 -26.50 -6.82 12.68
CA VAL A 32 -27.45 -7.87 13.02
C VAL A 32 -28.45 -7.40 14.07
N SER A 33 -29.73 -7.40 13.69
CA SER A 33 -30.81 -6.88 14.54
C SER A 33 -30.96 -7.58 15.89
N HIS A 34 -31.33 -6.80 16.90
CA HIS A 34 -31.70 -7.32 18.22
C HIS A 34 -33.03 -8.07 18.12
N GLU A 35 -33.93 -7.57 17.28
CA GLU A 35 -35.25 -8.17 17.09
C GLU A 35 -35.17 -9.63 16.67
N ASP A 36 -34.58 -9.85 15.49
CA ASP A 36 -34.43 -11.19 14.93
C ASP A 36 -32.94 -11.52 14.77
N PRO A 37 -32.34 -12.08 15.84
CA PRO A 37 -30.88 -12.24 15.87
C PRO A 37 -30.39 -13.66 15.59
N GLU A 38 -31.25 -14.55 15.09
CA GLU A 38 -30.84 -15.93 14.85
C GLU A 38 -30.35 -16.13 13.42
N VAL A 39 -29.03 -16.23 13.26
CA VAL A 39 -28.39 -16.23 11.94
C VAL A 39 -27.97 -17.63 11.48
N LYS A 40 -28.26 -17.95 10.21
CA LYS A 40 -27.93 -19.25 9.65
C LYS A 40 -26.92 -19.18 8.50
N PHE A 41 -25.89 -20.02 8.56
CA PHE A 41 -24.87 -20.06 7.52
C PHE A 41 -24.98 -21.32 6.66
N ASN A 42 -24.68 -21.16 5.38
CA ASN A 42 -24.43 -22.31 4.49
C ASN A 42 -23.12 -22.15 3.75
N TRP A 43 -22.23 -23.11 3.91
CA TRP A 43 -20.91 -23.06 3.28
C TRP A 43 -20.84 -23.96 2.05
N TYR A 44 -20.15 -23.49 1.02
CA TYR A 44 -19.99 -24.27 -0.20
C TYR A 44 -18.57 -24.23 -0.73
N VAL A 45 -18.05 -25.40 -1.10
CA VAL A 45 -16.75 -25.48 -1.74
C VAL A 45 -16.95 -25.95 -3.18
N ASP A 46 -16.71 -25.05 -4.12
CA ASP A 46 -16.98 -25.29 -5.54
C ASP A 46 -18.41 -25.77 -5.76
N GLY A 47 -19.36 -25.13 -5.08
CA GLY A 47 -20.77 -25.41 -5.28
C GLY A 47 -21.33 -26.51 -4.40
N VAL A 48 -20.44 -27.35 -3.86
CA VAL A 48 -20.87 -28.45 -3.00
C VAL A 48 -20.89 -28.04 -1.53
N GLU A 49 -22.01 -28.24 -0.86
CA GLU A 49 -22.14 -27.81 0.53
C GLU A 49 -21.29 -28.65 1.47
N VAL A 50 -20.62 -27.98 2.41
CA VAL A 50 -19.85 -28.65 3.44
C VAL A 50 -20.42 -28.30 4.82
N HIS A 51 -20.07 -29.08 5.84
CA HIS A 51 -20.76 -28.96 7.13
C HIS A 51 -19.83 -28.86 8.34
N ASN A 52 -18.55 -28.62 8.11
CA ASN A 52 -17.57 -28.61 9.21
C ASN A 52 -17.29 -27.22 9.79
N ALA A 53 -18.07 -26.23 9.36
CA ALA A 53 -17.85 -24.86 9.84
C ALA A 53 -18.31 -24.70 11.28
N LYS A 54 -17.55 -23.94 12.04
CA LYS A 54 -17.89 -23.66 13.42
C LYS A 54 -18.28 -22.21 13.60
N THR A 55 -19.50 -22.00 14.07
CA THR A 55 -20.04 -20.67 14.29
C THR A 55 -19.81 -20.22 15.72
N LYS A 56 -19.26 -19.03 15.89
CA LYS A 56 -19.02 -18.50 17.22
C LYS A 56 -20.32 -18.01 17.85
N PRO A 57 -20.44 -18.14 19.19
CA PRO A 57 -21.58 -17.54 19.87
C PRO A 57 -21.60 -16.04 19.65
N ARG A 58 -22.71 -15.57 19.09
CA ARG A 58 -22.94 -14.18 18.75
C ARG A 58 -22.52 -13.20 19.86
N GLU A 59 -21.80 -12.14 19.50
CA GLU A 59 -21.24 -11.21 20.48
C GLU A 59 -21.79 -9.79 20.34
N GLU A 60 -22.05 -9.14 21.47
CA GLU A 60 -22.58 -7.77 21.48
C GLU A 60 -21.58 -6.76 20.94
N GLN A 61 -22.09 -5.75 20.26
CA GLN A 61 -21.21 -4.75 19.67
C GLN A 61 -21.34 -3.37 20.30
N TYR A 62 -20.48 -2.49 19.81
CA TYR A 62 -20.50 -1.06 20.11
C TYR A 62 -21.91 -0.48 20.00
N ASN A 63 -22.58 -0.80 18.90
CA ASN A 63 -23.96 -0.43 18.63
C ASN A 63 -24.87 -1.17 19.63
N SER A 64 -26.18 -1.07 19.50
CA SER A 64 -27.01 -2.02 20.24
C SER A 64 -27.25 -3.15 19.26
N THR A 65 -26.14 -3.74 18.81
CA THR A 65 -26.13 -4.67 17.70
C THR A 65 -25.20 -5.84 18.04
N TYR A 66 -25.42 -6.96 17.37
CA TYR A 66 -24.58 -8.14 17.54
C TYR A 66 -23.69 -8.35 16.33
N ARG A 67 -22.56 -9.04 16.55
CA ARG A 67 -21.74 -9.51 15.44
C ARG A 67 -21.62 -11.03 15.55
N VAL A 68 -21.73 -11.72 14.42
CA VAL A 68 -21.67 -13.17 14.43
C VAL A 68 -20.74 -13.70 13.34
N VAL A 69 -19.88 -14.64 13.74
CA VAL A 69 -18.80 -15.11 12.89
C VAL A 69 -18.81 -16.64 12.75
N SER A 70 -18.66 -17.12 11.52
CA SER A 70 -18.46 -18.56 11.32
C SER A 70 -17.14 -18.80 10.58
N VAL A 71 -16.42 -19.81 11.04
CA VAL A 71 -15.09 -20.09 10.52
C VAL A 71 -15.00 -21.46 9.84
N LEU A 72 -14.68 -21.46 8.55
CA LEU A 72 -14.52 -22.71 7.82
C LEU A 72 -13.06 -23.08 7.68
N THR A 73 -12.66 -24.16 8.35
CA THR A 73 -11.32 -24.71 8.19
C THR A 73 -11.19 -25.25 6.76
N VAL A 74 -10.12 -24.86 6.07
CA VAL A 74 -9.91 -25.29 4.70
C VAL A 74 -8.62 -26.08 4.52
N LEU A 75 -8.57 -26.88 3.46
CA LEU A 75 -7.36 -27.63 3.12
C LEU A 75 -6.42 -26.71 2.36
N HIS A 76 -5.15 -26.71 2.76
CA HIS A 76 -4.11 -25.93 2.08
C HIS A 76 -4.19 -26.11 0.57
N GLN A 77 -4.22 -27.37 0.15
CA GLN A 77 -4.21 -27.73 -1.26
C GLN A 77 -5.44 -27.20 -1.99
N ASP A 78 -6.57 -27.13 -1.30
CA ASP A 78 -7.80 -26.68 -1.92
C ASP A 78 -7.75 -25.19 -2.25
N TRP A 79 -7.29 -24.38 -1.30
CA TRP A 79 -7.13 -22.96 -1.53
C TRP A 79 -6.16 -22.71 -2.67
N LEU A 80 -5.00 -23.36 -2.58
CA LEU A 80 -3.94 -23.18 -3.56
C LEU A 80 -4.33 -23.68 -4.95
N ASN A 81 -5.23 -24.66 -5.01
CA ASN A 81 -5.66 -25.22 -6.29
C ASN A 81 -6.84 -24.46 -6.90
N GLY A 82 -7.24 -23.36 -6.25
CA GLY A 82 -8.19 -22.44 -6.83
C GLY A 82 -9.66 -22.70 -6.56
N LYS A 83 -9.95 -23.49 -5.53
CA LYS A 83 -11.34 -23.81 -5.22
C LYS A 83 -12.07 -22.60 -4.65
N GLU A 84 -13.34 -22.45 -5.05
CA GLU A 84 -14.17 -21.35 -4.58
C GLU A 84 -14.87 -21.66 -3.26
N TYR A 85 -14.86 -20.69 -2.36
CA TYR A 85 -15.54 -20.85 -1.08
C TYR A 85 -16.68 -19.85 -0.97
N LYS A 86 -17.90 -20.36 -0.77
CA LYS A 86 -19.06 -19.50 -0.68
C LYS A 86 -19.70 -19.51 0.71
N CYS A 87 -19.93 -18.33 1.24
CA CYS A 87 -20.71 -18.17 2.46
C CYS A 87 -22.11 -17.70 2.10
N LYS A 88 -23.11 -18.35 2.69
CA LYS A 88 -24.51 -17.97 2.46
C LYS A 88 -25.20 -17.71 3.79
N VAL A 89 -25.62 -16.47 3.99
CA VAL A 89 -26.20 -16.05 5.26
C VAL A 89 -27.70 -15.83 5.15
N SER A 90 -28.44 -16.47 6.04
CA SER A 90 -29.90 -16.38 6.05
C SER A 90 -30.42 -15.84 7.38
N ASN A 91 -31.32 -14.85 7.29
CA ASN A 91 -31.83 -14.15 8.45
C ASN A 91 -32.99 -13.24 8.02
N LYS A 92 -34.07 -13.24 8.81
CA LYS A 92 -35.35 -12.68 8.37
C LYS A 92 -35.30 -11.19 7.97
N ALA A 93 -34.31 -10.45 8.48
CA ALA A 93 -34.18 -9.04 8.14
C ALA A 93 -33.44 -8.85 6.80
N LEU A 94 -33.68 -9.77 5.88
CA LEU A 94 -33.14 -9.71 4.52
C LEU A 94 -34.13 -10.35 3.57
N PRO A 95 -34.45 -9.68 2.46
CA PRO A 95 -35.43 -10.22 1.50
C PRO A 95 -34.96 -11.55 0.90
N ALA A 96 -33.71 -11.56 0.43
CA ALA A 96 -33.08 -12.79 -0.03
C ALA A 96 -31.83 -13.04 0.80
N PRO A 97 -31.42 -14.32 0.93
CA PRO A 97 -30.18 -14.58 1.67
C PRO A 97 -28.96 -14.13 0.88
N ILE A 98 -27.95 -13.61 1.57
CA ILE A 98 -26.79 -13.04 0.91
C ILE A 98 -25.70 -14.08 0.66
N GLU A 99 -25.09 -14.02 -0.52
CA GLU A 99 -23.99 -14.92 -0.88
C GLU A 99 -22.68 -14.17 -1.18
N LYS A 100 -21.57 -14.70 -0.70
CA LYS A 100 -20.27 -14.14 -1.02
C LYS A 100 -19.32 -15.26 -1.42
N THR A 101 -18.53 -15.04 -2.46
CA THR A 101 -17.59 -16.04 -2.95
C THR A 101 -16.17 -15.50 -3.07
N ILE A 102 -15.20 -16.23 -2.54
CA ILE A 102 -13.80 -15.88 -2.72
C ILE A 102 -12.97 -17.08 -3.14
N SER A 103 -11.80 -16.80 -3.70
CA SER A 103 -10.84 -17.82 -4.07
C SER A 103 -9.51 -17.15 -4.29
N LYS A 104 -8.44 -17.94 -4.38
CA LYS A 104 -7.13 -17.39 -4.67
C LYS A 104 -7.15 -16.73 -6.05
N ALA A 105 -6.36 -15.67 -6.21
CA ALA A 105 -6.30 -14.96 -7.47
C ALA A 105 -5.84 -15.87 -8.60
N LYS A 106 -6.50 -15.75 -9.75
CA LYS A 106 -6.13 -16.53 -10.93
C LYS A 106 -4.96 -15.89 -11.64
N GLY A 107 -4.21 -16.68 -12.41
CA GLY A 107 -3.06 -16.18 -13.12
C GLY A 107 -1.82 -17.00 -12.82
N GLN A 108 -0.89 -17.03 -13.76
CA GLN A 108 0.32 -17.84 -13.60
C GLN A 108 1.14 -17.39 -12.40
N PRO A 109 1.39 -18.32 -11.47
CA PRO A 109 2.25 -18.04 -10.32
C PRO A 109 3.65 -17.64 -10.77
N ARG A 110 4.25 -16.68 -10.07
CA ARG A 110 5.60 -16.27 -10.40
CA ARG A 110 5.59 -16.23 -10.39
C ARG A 110 6.46 -16.23 -9.13
N GLU A 111 7.68 -16.74 -9.25
CA GLU A 111 8.59 -16.84 -8.13
C GLU A 111 9.15 -15.48 -7.69
N PRO A 112 9.00 -15.17 -6.39
CA PRO A 112 9.58 -13.94 -5.84
C PRO A 112 11.10 -14.02 -5.79
N GLN A 113 11.76 -12.99 -6.33
CA GLN A 113 13.20 -12.84 -6.15
C GLN A 113 13.45 -12.06 -4.86
N VAL A 114 14.28 -12.62 -3.99
CA VAL A 114 14.52 -12.00 -2.69
C VAL A 114 15.94 -11.48 -2.56
N TYR A 115 16.06 -10.16 -2.43
CA TYR A 115 17.36 -9.53 -2.28
C TYR A 115 17.45 -8.74 -0.98
N THR A 116 18.55 -8.94 -0.25
CA THR A 116 18.81 -8.16 0.95
C THR A 116 19.74 -7.00 0.63
N LEU A 117 19.44 -5.84 1.19
CA LEU A 117 20.28 -4.65 0.99
C LEU A 117 20.72 -4.09 2.33
N PRO A 118 22.03 -3.82 2.50
CA PRO A 118 22.57 -3.27 3.73
C PRO A 118 22.18 -1.80 3.90
N PRO A 119 22.45 -1.20 5.07
CA PRO A 119 22.14 0.21 5.24
C PRO A 119 22.85 1.09 4.22
N SER A 120 22.22 2.19 3.83
CA SER A 120 22.91 3.22 3.05
C SER A 120 24.08 3.72 3.84
N ARG A 121 25.19 3.99 3.17
CA ARG A 121 26.40 4.51 3.81
C ARG A 121 26.08 5.71 4.70
N GLU A 122 25.20 6.57 4.22
CA GLU A 122 24.82 7.78 4.93
C GLU A 122 24.04 7.51 6.21
N GLU A 123 23.33 6.40 6.27
CA GLU A 123 22.50 6.09 7.45
C GLU A 123 23.37 5.70 8.63
N MET A 124 24.65 5.43 8.37
CA MET A 124 25.57 4.98 9.41
C MET A 124 25.94 6.06 10.42
N THR A 125 25.39 7.26 10.25
CA THR A 125 25.61 8.34 11.21
C THR A 125 24.51 8.36 12.26
N LYS A 126 23.52 7.49 12.10
CA LYS A 126 22.40 7.42 13.03
C LYS A 126 22.58 6.31 14.08
N ASN A 127 21.78 6.37 15.14
CA ASN A 127 21.84 5.36 16.20
C ASN A 127 21.20 4.06 15.77
N GLN A 128 20.17 4.16 14.94
CA GLN A 128 19.53 2.97 14.38
C GLN A 128 19.70 2.97 12.86
N VAL A 129 19.82 1.78 12.29
CA VAL A 129 19.97 1.65 10.84
C VAL A 129 18.92 0.71 10.27
N SER A 130 18.74 0.78 8.96
CA SER A 130 17.70 0.00 8.30
C SER A 130 18.30 -1.14 7.48
N LEU A 131 17.81 -2.35 7.74
CA LEU A 131 18.14 -3.49 6.89
C LEU A 131 16.96 -3.74 5.95
N THR A 132 17.23 -3.80 4.65
CA THR A 132 16.17 -3.85 3.66
C THR A 132 16.08 -5.19 2.95
N CYS A 133 14.87 -5.74 2.88
CA CYS A 133 14.61 -6.93 2.09
C CYS A 133 13.69 -6.60 0.92
N LEU A 134 14.25 -6.61 -0.29
CA LEU A 134 13.47 -6.42 -1.50
C LEU A 134 12.96 -7.76 -2.02
N VAL A 135 11.64 -7.83 -2.22
CA VAL A 135 11.01 -9.02 -2.76
C VAL A 135 10.21 -8.63 -4.00
N LYS A 136 10.65 -9.07 -5.17
CA LYS A 136 10.00 -8.65 -6.41
C LYS A 136 9.63 -9.81 -7.34
N GLY A 137 8.75 -9.52 -8.29
CA GLY A 137 8.41 -10.46 -9.33
C GLY A 137 7.54 -11.63 -8.90
N PHE A 138 6.84 -11.49 -7.78
CA PHE A 138 5.97 -12.57 -7.34
C PHE A 138 4.51 -12.36 -7.74
N TYR A 139 3.84 -13.46 -8.01
CA TYR A 139 2.41 -13.48 -8.27
C TYR A 139 1.85 -14.81 -7.78
N PRO A 140 0.68 -14.79 -7.12
CA PRO A 140 -0.12 -13.62 -6.74
C PRO A 140 0.48 -12.82 -5.59
N SER A 141 -0.24 -11.80 -5.15
CA SER A 141 0.27 -10.87 -4.13
C SER A 141 0.29 -11.49 -2.74
N ASP A 142 -0.40 -12.61 -2.58
CA ASP A 142 -0.43 -13.32 -1.30
C ASP A 142 0.97 -13.76 -0.91
N ILE A 143 1.47 -13.23 0.21
CA ILE A 143 2.86 -13.45 0.60
C ILE A 143 3.06 -13.11 2.08
N ALA A 144 4.08 -13.71 2.70
CA ALA A 144 4.44 -13.42 4.08
C ALA A 144 5.94 -13.21 4.19
N VAL A 145 6.34 -12.24 5.01
CA VAL A 145 7.76 -11.91 5.20
C VAL A 145 8.09 -11.76 6.68
N GLU A 146 9.19 -12.37 7.10
CA GLU A 146 9.63 -12.29 8.49
C GLU A 146 11.14 -12.10 8.56
N TRP A 147 11.63 -11.68 9.74
CA TRP A 147 13.06 -11.53 9.97
C TRP A 147 13.50 -12.35 11.17
N GLU A 148 14.76 -12.75 11.18
CA GLU A 148 15.33 -13.45 12.33
C GLU A 148 16.84 -13.31 12.37
N SER A 149 17.41 -13.62 13.54
CA SER A 149 18.85 -13.55 13.74
C SER A 149 19.27 -14.58 14.78
N ASN A 150 20.30 -15.36 14.44
CA ASN A 150 20.76 -16.47 15.27
C ASN A 150 19.61 -17.37 15.73
N GLY A 151 18.80 -17.81 14.79
CA GLY A 151 17.70 -18.74 15.05
C GLY A 151 16.47 -18.10 15.69
N GLN A 152 16.62 -16.86 16.14
CA GLN A 152 15.55 -16.19 16.88
C GLN A 152 14.92 -15.05 16.10
N PRO A 153 13.59 -14.89 16.21
CA PRO A 153 12.85 -13.87 15.46
C PRO A 153 13.21 -12.43 15.82
N GLU A 154 13.42 -11.62 14.80
CA GLU A 154 13.54 -10.17 14.96
C GLU A 154 12.18 -9.54 14.64
N ASN A 155 11.66 -8.74 15.55
CA ASN A 155 10.29 -8.27 15.41
C ASN A 155 10.13 -6.76 15.21
N ASN A 156 11.24 -6.03 15.25
CA ASN A 156 11.20 -4.59 15.03
C ASN A 156 11.28 -4.27 13.54
N TYR A 157 10.37 -4.84 12.76
CA TYR A 157 10.35 -4.61 11.33
C TYR A 157 8.97 -4.20 10.81
N LYS A 158 8.96 -3.54 9.66
CA LYS A 158 7.71 -3.19 8.99
C LYS A 158 7.81 -3.56 7.52
N THR A 159 6.71 -4.04 6.95
CA THR A 159 6.69 -4.47 5.57
C THR A 159 5.64 -3.70 4.79
N THR A 160 6.03 -3.14 3.65
CA THR A 160 5.08 -2.43 2.79
C THR A 160 4.05 -3.40 2.25
N PRO A 161 2.87 -2.89 1.86
CA PRO A 161 1.92 -3.75 1.15
C PRO A 161 2.49 -4.15 -0.20
N PRO A 162 1.94 -5.19 -0.83
CA PRO A 162 2.40 -5.53 -2.18
C PRO A 162 2.07 -4.40 -3.16
N VAL A 163 2.97 -4.11 -4.08
CA VAL A 163 2.72 -3.08 -5.08
C VAL A 163 2.80 -3.65 -6.48
N LEU A 164 1.78 -3.37 -7.29
CA LEU A 164 1.72 -3.84 -8.67
C LEU A 164 2.82 -3.21 -9.51
N ASP A 165 3.63 -4.05 -10.16
CA ASP A 165 4.75 -3.57 -10.96
C ASP A 165 4.34 -3.41 -12.42
N SER A 166 5.26 -2.93 -13.25
CA SER A 166 5.00 -2.67 -14.66
C SER A 166 4.57 -3.94 -15.39
N ASP A 167 5.17 -5.07 -15.03
CA ASP A 167 4.99 -6.31 -15.78
C ASP A 167 3.85 -7.18 -15.27
N GLY A 168 3.04 -6.64 -14.35
CA GLY A 168 1.90 -7.36 -13.84
C GLY A 168 2.22 -8.15 -12.58
N SER A 169 3.50 -8.30 -12.28
CA SER A 169 3.91 -8.96 -11.05
C SER A 169 3.87 -7.97 -9.88
N PHE A 170 4.09 -8.47 -8.67
CA PHE A 170 4.09 -7.61 -7.49
C PHE A 170 5.47 -7.51 -6.88
N PHE A 171 5.69 -6.44 -6.10
CA PHE A 171 6.90 -6.33 -5.31
C PHE A 171 6.59 -5.69 -3.97
N LEU A 172 7.50 -5.85 -3.01
CA LEU A 172 7.41 -5.14 -1.75
C LEU A 172 8.79 -4.92 -1.16
N TYR A 173 8.85 -4.11 -0.11
CA TYR A 173 10.04 -4.00 0.69
C TYR A 173 9.72 -4.30 2.14
N SER A 174 10.65 -4.95 2.84
CA SER A 174 10.52 -5.11 4.27
C SER A 174 11.70 -4.42 4.95
N LYS A 175 11.41 -3.62 5.97
CA LYS A 175 12.45 -2.84 6.63
C LYS A 175 12.64 -3.29 8.08
N LEU A 176 13.81 -3.85 8.36
CA LEU A 176 14.17 -4.20 9.73
C LEU A 176 15.07 -3.12 10.33
N THR A 177 14.70 -2.64 11.51
CA THR A 177 15.46 -1.60 12.18
C THR A 177 16.24 -2.19 13.36
N VAL A 178 17.56 -2.00 13.34
CA VAL A 178 18.41 -2.49 14.41
C VAL A 178 19.33 -1.39 14.94
N ASP A 179 19.83 -1.56 16.16
CA ASP A 179 20.86 -0.67 16.68
C ASP A 179 22.10 -0.77 15.79
N LYS A 180 22.69 0.38 15.47
CA LYS A 180 23.85 0.42 14.59
C LYS A 180 24.97 -0.48 15.09
N SER A 181 25.16 -0.47 16.41
CA SER A 181 26.20 -1.27 17.04
C SER A 181 26.04 -2.77 16.75
N ARG A 182 24.81 -3.25 16.80
CA ARG A 182 24.50 -4.65 16.47
C ARG A 182 24.96 -4.96 15.05
N TRP A 183 24.69 -4.03 14.14
CA TRP A 183 25.09 -4.18 12.75
C TRP A 183 26.59 -4.15 12.59
N GLN A 184 27.25 -3.21 13.29
CA GLN A 184 28.68 -3.04 13.22
C GLN A 184 29.46 -4.30 13.64
N GLN A 185 28.84 -5.12 14.48
CA GLN A 185 29.54 -6.26 15.06
C GLN A 185 29.48 -7.52 14.20
N GLY A 186 28.81 -7.44 13.06
CA GLY A 186 28.79 -8.55 12.12
C GLY A 186 27.72 -9.59 12.38
N ASN A 187 26.71 -9.25 13.17
CA ASN A 187 25.58 -10.15 13.36
C ASN A 187 24.89 -10.45 12.04
N VAL A 188 24.54 -11.71 11.82
CA VAL A 188 23.88 -12.12 10.59
C VAL A 188 22.36 -12.02 10.76
N PHE A 189 21.70 -11.41 9.77
CA PHE A 189 20.26 -11.27 9.78
C PHE A 189 19.66 -11.97 8.57
N SER A 190 18.47 -12.54 8.75
CA SER A 190 17.83 -13.28 7.67
C SER A 190 16.42 -12.78 7.35
N CYS A 191 16.16 -12.62 6.06
CA CYS A 191 14.83 -12.29 5.56
C CYS A 191 14.15 -13.56 5.05
N SER A 192 13.07 -13.96 5.71
CA SER A 192 12.35 -15.17 5.31
C SER A 192 11.10 -14.81 4.53
N VAL A 193 10.93 -15.45 3.38
CA VAL A 193 9.78 -15.19 2.52
C VAL A 193 9.02 -16.47 2.24
N MET A 194 7.70 -16.41 2.39
CA MET A 194 6.84 -17.55 2.12
C MET A 194 5.86 -17.21 1.00
N HIS A 195 5.90 -18.02 -0.06
CA HIS A 195 5.08 -17.79 -1.24
C HIS A 195 4.92 -19.10 -2.03
N GLU A 196 3.78 -19.28 -2.70
CA GLU A 196 3.47 -20.55 -3.33
C GLU A 196 4.41 -20.90 -4.49
N ALA A 197 4.98 -19.88 -5.12
CA ALA A 197 5.84 -20.10 -6.27
C ALA A 197 7.29 -20.35 -5.85
N LEU A 198 7.52 -20.45 -4.55
CA LEU A 198 8.83 -20.81 -4.04
C LEU A 198 8.88 -22.31 -3.76
N HIS A 199 10.05 -22.92 -3.93
CA HIS A 199 10.24 -24.31 -3.54
C HIS A 199 10.04 -24.44 -2.02
N ASN A 200 9.22 -25.40 -1.63
CA ASN A 200 8.82 -25.62 -0.23
C ASN A 200 8.02 -24.44 0.35
N HIS A 201 7.55 -23.55 -0.53
CA HIS A 201 6.84 -22.34 -0.12
C HIS A 201 7.70 -21.46 0.80
N TYR A 202 9.01 -21.64 0.73
CA TYR A 202 9.89 -20.96 1.67
C TYR A 202 11.30 -20.76 1.12
N THR A 203 11.82 -19.55 1.31
CA THR A 203 13.22 -19.28 1.06
C THR A 203 13.71 -18.27 2.07
N GLN A 204 15.04 -18.13 2.18
CA GLN A 204 15.62 -17.27 3.19
C GLN A 204 16.93 -16.67 2.69
N LYS A 205 17.06 -15.35 2.81
CA LYS A 205 18.27 -14.66 2.40
C LYS A 205 18.95 -13.98 3.58
N SER A 206 20.28 -14.06 3.62
CA SER A 206 21.01 -13.54 4.76
C SER A 206 21.69 -12.22 4.44
N LEU A 207 22.00 -11.47 5.48
CA LEU A 207 22.56 -10.14 5.36
C LEU A 207 23.44 -9.83 6.56
N SER A 208 24.69 -9.46 6.28
CA SER A 208 25.63 -9.08 7.33
C SER A 208 26.66 -8.12 6.75
N LEU A 209 27.36 -7.39 7.62
CA LEU A 209 28.32 -6.39 7.18
C LEU A 209 29.44 -7.00 6.35
N LEU B 1 -31.85 5.78 -6.14
CA LEU B 1 -32.34 4.63 -5.41
C LEU B 1 -32.08 4.84 -3.92
N GLY B 2 -30.84 5.15 -3.60
CA GLY B 2 -30.46 5.52 -2.24
C GLY B 2 -29.85 6.91 -2.26
N GLY B 3 -30.14 7.64 -3.33
CA GLY B 3 -29.50 8.91 -3.59
C GLY B 3 -28.10 8.70 -4.15
N PRO B 4 -27.49 9.78 -4.67
CA PRO B 4 -26.10 9.64 -5.12
C PRO B 4 -25.11 9.62 -3.94
N SER B 5 -23.83 9.45 -4.26
CA SER B 5 -22.78 9.53 -3.25
C SER B 5 -21.78 10.59 -3.67
N VAL B 6 -21.15 11.22 -2.69
CA VAL B 6 -20.15 12.24 -3.00
C VAL B 6 -18.80 11.92 -2.34
N PHE B 7 -17.75 11.97 -3.14
CA PHE B 7 -16.41 11.73 -2.63
C PHE B 7 -15.52 12.92 -2.90
N LEU B 8 -14.79 13.34 -1.88
CA LEU B 8 -13.98 14.55 -1.96
C LEU B 8 -12.50 14.22 -1.86
N PHE B 9 -11.73 14.60 -2.87
CA PHE B 9 -10.32 14.23 -2.92
C PHE B 9 -9.38 15.43 -2.77
N PRO B 10 -8.32 15.26 -1.98
CA PRO B 10 -7.31 16.28 -1.77
C PRO B 10 -6.45 16.49 -3.02
N PRO B 11 -5.65 17.56 -3.04
CA PRO B 11 -4.70 17.77 -4.14
C PRO B 11 -3.54 16.79 -4.06
N LYS B 12 -2.89 16.54 -5.20
CA LYS B 12 -1.68 15.74 -5.21
C LYS B 12 -0.64 16.46 -4.36
N PRO B 13 0.03 15.73 -3.46
CA PRO B 13 1.03 16.28 -2.53
C PRO B 13 2.01 17.21 -3.22
N LYS B 14 2.45 16.83 -4.42
CA LYS B 14 3.41 17.64 -5.17
C LYS B 14 2.84 19.00 -5.57
N ASP B 15 1.57 19.02 -5.94
CA ASP B 15 0.94 20.24 -6.43
C ASP B 15 0.83 21.33 -5.35
N THR B 16 0.71 20.91 -4.10
CA THR B 16 0.63 21.85 -2.99
C THR B 16 2.01 22.34 -2.55
N LEU B 17 3.03 21.58 -2.91
CA LEU B 17 4.38 21.85 -2.44
C LEU B 17 5.18 22.69 -3.42
N MET B 18 4.98 22.45 -4.71
CA MET B 18 5.70 23.18 -5.74
C MET B 18 4.88 24.35 -6.27
N ILE B 19 5.44 25.55 -6.16
CA ILE B 19 4.75 26.76 -6.58
C ILE B 19 4.51 26.77 -8.10
N SER B 20 5.33 26.01 -8.82
CA SER B 20 5.20 25.92 -10.28
C SER B 20 4.01 25.06 -10.68
N ARG B 21 3.41 24.38 -9.71
CA ARG B 21 2.24 23.54 -9.97
C ARG B 21 0.96 24.19 -9.43
N THR B 22 -0.18 23.71 -9.90
CA THR B 22 -1.48 24.22 -9.48
C THR B 22 -2.32 23.14 -8.78
N PRO B 23 -2.42 23.22 -7.45
CA PRO B 23 -3.17 22.23 -6.67
C PRO B 23 -4.69 22.34 -6.84
N GLU B 24 -5.36 21.20 -6.89
CA GLU B 24 -6.82 21.15 -7.02
C GLU B 24 -7.47 20.25 -5.97
N VAL B 25 -8.64 20.66 -5.49
CA VAL B 25 -9.49 19.77 -4.72
C VAL B 25 -10.61 19.29 -5.64
N THR B 26 -10.91 17.99 -5.60
CA THR B 26 -11.83 17.41 -6.56
C THR B 26 -13.06 16.78 -5.90
N CYS B 27 -14.24 17.28 -6.26
CA CYS B 27 -15.50 16.76 -5.74
C CYS B 27 -16.17 15.87 -6.78
N VAL B 28 -16.37 14.60 -6.43
CA VAL B 28 -16.88 13.61 -7.39
C VAL B 28 -18.21 13.03 -6.93
N VAL B 29 -19.23 13.18 -7.77
CA VAL B 29 -20.56 12.67 -7.44
C VAL B 29 -20.86 11.41 -8.26
N VAL B 30 -21.15 10.31 -7.56
CA VAL B 30 -21.48 9.06 -8.22
C VAL B 30 -22.89 8.64 -7.85
N ASP B 31 -23.39 7.63 -8.56
CA ASP B 31 -24.79 7.17 -8.43
C ASP B 31 -25.76 8.30 -8.75
N VAL B 32 -25.38 9.14 -9.69
CA VAL B 32 -26.30 10.09 -10.30
C VAL B 32 -27.16 9.34 -11.31
N SER B 33 -28.47 9.37 -11.13
CA SER B 33 -29.35 8.67 -12.04
C SER B 33 -29.64 9.51 -13.27
N HIS B 34 -30.01 8.85 -14.36
CA HIS B 34 -30.29 9.50 -15.62
C HIS B 34 -31.49 10.44 -15.55
N GLU B 35 -32.30 10.28 -14.50
CA GLU B 35 -33.58 10.97 -14.39
C GLU B 35 -33.52 12.28 -13.58
N ASP B 36 -32.43 12.47 -12.84
CA ASP B 36 -32.24 13.71 -12.08
C ASP B 36 -31.05 14.57 -12.51
N PRO B 37 -30.42 14.25 -13.66
CA PRO B 37 -29.00 14.66 -13.78
C PRO B 37 -28.79 16.16 -13.96
N GLU B 38 -28.95 16.93 -12.89
CA GLU B 38 -28.61 18.35 -12.91
C GLU B 38 -28.00 18.77 -11.59
N VAL B 39 -26.74 18.39 -11.40
CA VAL B 39 -26.04 18.52 -10.13
C VAL B 39 -25.45 19.92 -9.92
N LYS B 40 -25.64 20.46 -8.72
CA LYS B 40 -25.13 21.80 -8.41
C LYS B 40 -24.15 21.77 -7.23
N PHE B 41 -23.03 22.46 -7.40
CA PHE B 41 -21.97 22.49 -6.39
C PHE B 41 -21.84 23.82 -5.69
N ASN B 42 -21.62 23.78 -4.38
CA ASN B 42 -21.24 24.97 -3.63
C ASN B 42 -19.96 24.71 -2.84
N TRP B 43 -18.97 25.56 -3.04
CA TRP B 43 -17.66 25.38 -2.42
C TRP B 43 -17.41 26.36 -1.30
N TYR B 44 -16.78 25.88 -0.23
CA TYR B 44 -16.48 26.72 0.91
C TYR B 44 -15.06 26.50 1.41
N VAL B 45 -14.38 27.60 1.70
CA VAL B 45 -13.04 27.56 2.29
C VAL B 45 -13.12 28.14 3.69
N ASP B 46 -12.96 27.27 4.69
CA ASP B 46 -13.17 27.63 6.09
C ASP B 46 -14.54 28.30 6.30
N GLY B 47 -15.57 27.74 5.67
CA GLY B 47 -16.93 28.23 5.86
C GLY B 47 -17.34 29.36 4.92
N VAL B 48 -16.38 30.01 4.30
CA VAL B 48 -16.67 31.11 3.38
C VAL B 48 -16.80 30.60 1.95
N GLU B 49 -17.90 30.95 1.29
CA GLU B 49 -18.13 30.46 -0.06
C GLU B 49 -17.21 31.09 -1.08
N VAL B 50 -16.68 30.26 -1.99
CA VAL B 50 -15.86 30.73 -3.10
C VAL B 50 -16.52 30.31 -4.41
N HIS B 51 -16.13 30.93 -5.53
CA HIS B 51 -16.89 30.79 -6.76
C HIS B 51 -16.09 30.39 -8.01
N ASN B 52 -14.81 30.07 -7.83
CA ASN B 52 -13.93 29.82 -8.97
C ASN B 52 -13.92 28.38 -9.46
N ALA B 53 -14.80 27.55 -8.91
CA ALA B 53 -14.83 26.14 -9.26
C ALA B 53 -15.35 25.93 -10.68
N LYS B 54 -14.79 24.92 -11.36
CA LYS B 54 -15.22 24.57 -12.70
C LYS B 54 -15.78 23.15 -12.73
N THR B 55 -16.84 22.94 -13.50
CA THR B 55 -17.54 21.66 -13.50
C THR B 55 -17.36 20.93 -14.82
N LYS B 56 -17.01 19.66 -14.75
CA LYS B 56 -16.85 18.83 -15.94
C LYS B 56 -18.20 18.36 -16.46
N PRO B 57 -18.35 18.25 -17.79
CA PRO B 57 -19.59 17.76 -18.39
C PRO B 57 -19.92 16.33 -17.95
N ARG B 58 -21.17 16.10 -17.55
CA ARG B 58 -21.61 14.80 -17.07
C ARG B 58 -21.17 13.64 -17.98
N GLU B 59 -20.71 12.54 -17.39
CA GLU B 59 -20.25 11.42 -18.18
C GLU B 59 -20.97 10.12 -17.80
N GLU B 60 -21.33 9.34 -18.82
CA GLU B 60 -22.07 8.11 -18.61
C GLU B 60 -21.14 6.98 -18.18
N GLN B 61 -21.61 6.17 -17.24
CA GLN B 61 -20.79 5.10 -16.68
C GLN B 61 -21.15 3.71 -17.20
N TYR B 62 -20.29 2.77 -16.84
CA TYR B 62 -20.50 1.33 -16.95
C TYR B 62 -21.96 0.92 -16.68
N ASN B 63 -22.39 1.14 -15.45
CA ASN B 63 -23.67 0.63 -14.94
C ASN B 63 -24.89 1.50 -15.26
N SER B 64 -24.91 2.11 -16.45
CA SER B 64 -25.98 3.04 -16.83
C SER B 64 -26.22 4.08 -15.75
N THR B 65 -25.13 4.64 -15.27
CA THR B 65 -25.14 5.68 -14.25
C THR B 65 -24.46 6.90 -14.85
N TYR B 66 -24.57 8.04 -14.19
CA TYR B 66 -23.77 9.19 -14.59
C TYR B 66 -22.80 9.60 -13.50
N ARG B 67 -21.75 10.27 -13.94
CA ARG B 67 -20.66 10.67 -13.08
C ARG B 67 -20.34 12.12 -13.37
N VAL B 68 -20.29 12.96 -12.34
CA VAL B 68 -20.07 14.39 -12.55
C VAL B 68 -19.06 14.92 -11.55
N VAL B 69 -18.16 15.76 -12.04
CA VAL B 69 -17.00 16.18 -11.26
C VAL B 69 -16.86 17.70 -11.20
N SER B 70 -16.56 18.22 -10.00
CA SER B 70 -16.29 19.65 -9.83
C SER B 70 -14.88 19.85 -9.26
N VAL B 71 -14.13 20.77 -9.86
CA VAL B 71 -12.75 21.00 -9.49
C VAL B 71 -12.51 22.42 -8.96
N LEU B 72 -11.99 22.52 -7.74
CA LEU B 72 -11.67 23.80 -7.14
C LEU B 72 -10.16 24.01 -7.05
N THR B 73 -9.66 25.02 -7.76
CA THR B 73 -8.27 25.40 -7.65
C THR B 73 -8.02 26.07 -6.30
N VAL B 74 -6.96 25.67 -5.62
CA VAL B 74 -6.68 26.19 -4.28
C VAL B 74 -5.30 26.82 -4.19
N LEU B 75 -5.08 27.62 -3.15
CA LEU B 75 -3.77 28.21 -2.89
C LEU B 75 -2.92 27.23 -2.10
N HIS B 76 -1.67 27.05 -2.52
CA HIS B 76 -0.72 26.17 -1.84
C HIS B 76 -0.71 26.43 -0.34
N GLN B 77 -0.57 27.69 0.02
CA GLN B 77 -0.42 28.10 1.41
C GLN B 77 -1.68 27.78 2.22
N ASP B 78 -2.84 27.87 1.59
CA ASP B 78 -4.08 27.59 2.30
C ASP B 78 -4.18 26.13 2.70
N TRP B 79 -3.88 25.23 1.76
CA TRP B 79 -3.88 23.80 2.05
C TRP B 79 -2.87 23.47 3.14
N LEU B 80 -1.67 24.00 3.00
CA LEU B 80 -0.59 23.74 3.93
C LEU B 80 -0.84 24.33 5.31
N ASN B 81 -1.62 25.41 5.37
CA ASN B 81 -1.91 26.06 6.64
C ASN B 81 -3.16 25.49 7.32
N GLY B 82 -3.76 24.47 6.71
CA GLY B 82 -4.79 23.69 7.36
C GLY B 82 -6.23 24.12 7.14
N LYS B 83 -6.47 24.92 6.10
CA LYS B 83 -7.82 25.40 5.83
C LYS B 83 -8.72 24.26 5.37
N GLU B 84 -9.99 24.33 5.77
CA GLU B 84 -10.96 23.31 5.41
C GLU B 84 -11.64 23.62 4.08
N TYR B 85 -11.79 22.60 3.25
CA TYR B 85 -12.48 22.76 1.98
C TYR B 85 -13.74 21.92 1.94
N LYS B 86 -14.87 22.58 1.72
CA LYS B 86 -16.13 21.88 1.69
C LYS B 86 -16.77 21.88 0.31
N CYS B 87 -17.18 20.69 -0.12
CA CYS B 87 -18.02 20.56 -1.30
C CYS B 87 -19.45 20.30 -0.86
N LYS B 88 -20.39 21.03 -1.44
CA LYS B 88 -21.80 20.85 -1.15
C LYS B 88 -22.54 20.52 -2.45
N VAL B 89 -23.19 19.37 -2.47
CA VAL B 89 -23.83 18.87 -3.69
C VAL B 89 -25.35 18.90 -3.56
N SER B 90 -26.01 19.50 -4.55
CA SER B 90 -27.45 19.73 -4.46
C SER B 90 -28.23 19.29 -5.68
N ASN B 91 -29.47 18.87 -5.45
CA ASN B 91 -30.42 18.58 -6.52
C ASN B 91 -31.82 19.03 -6.11
N LYS B 92 -32.66 19.32 -7.10
CA LYS B 92 -34.05 19.60 -6.85
C LYS B 92 -34.71 18.37 -6.21
N ALA B 93 -34.12 17.20 -6.47
CA ALA B 93 -34.60 15.95 -5.90
C ALA B 93 -33.53 15.21 -5.10
N LEU B 94 -32.87 15.94 -4.20
CA LEU B 94 -32.13 15.34 -3.11
C LEU B 94 -32.91 15.72 -1.85
N PRO B 95 -33.15 14.77 -0.93
CA PRO B 95 -33.90 15.13 0.27
C PRO B 95 -33.19 16.25 1.04
N ALA B 96 -31.89 16.09 1.21
CA ALA B 96 -31.04 17.14 1.73
C ALA B 96 -29.77 17.19 0.88
N PRO B 97 -29.16 18.37 0.76
CA PRO B 97 -27.90 18.41 0.01
C PRO B 97 -26.76 17.76 0.81
N ILE B 98 -25.82 17.14 0.12
CA ILE B 98 -24.73 16.42 0.78
C ILE B 98 -23.48 17.31 0.91
N GLU B 99 -22.86 17.27 2.08
CA GLU B 99 -21.66 18.07 2.34
C GLU B 99 -20.46 17.18 2.69
N LYS B 100 -19.30 17.52 2.14
CA LYS B 100 -18.05 16.84 2.45
C LYS B 100 -16.95 17.85 2.76
N THR B 101 -16.18 17.58 3.82
CA THR B 101 -15.12 18.49 4.23
C THR B 101 -13.78 17.76 4.36
N ILE B 102 -12.73 18.34 3.81
CA ILE B 102 -11.37 17.81 3.99
C ILE B 102 -10.35 18.89 4.31
N SER B 103 -9.22 18.47 4.85
CA SER B 103 -8.10 19.35 5.15
C SER B 103 -6.85 18.52 5.36
N LYS B 104 -5.68 19.16 5.35
CA LYS B 104 -4.43 18.45 5.53
C LYS B 104 -4.37 17.79 6.92
N ALA B 105 -3.71 16.63 6.99
CA ALA B 105 -3.55 15.92 8.25
C ALA B 105 -2.89 16.82 9.29
N LYS B 106 -3.45 16.84 10.49
CA LYS B 106 -2.88 17.63 11.58
C LYS B 106 -1.73 16.89 12.25
N GLY B 107 -0.81 17.62 12.86
CA GLY B 107 0.31 16.99 13.54
C GLY B 107 1.63 17.65 13.21
N GLN B 108 2.58 17.55 14.14
CA GLN B 108 3.89 18.15 13.96
C GLN B 108 4.62 17.54 12.77
N PRO B 109 4.98 18.37 11.77
CA PRO B 109 5.72 17.94 10.59
C PRO B 109 7.06 17.34 10.96
N ARG B 110 7.45 16.25 10.30
CA ARG B 110 8.74 15.64 10.54
C ARG B 110 9.53 15.49 9.25
N GLU B 111 10.78 15.91 9.28
CA GLU B 111 11.63 15.88 8.09
C GLU B 111 12.08 14.48 7.72
N PRO B 112 11.84 14.08 6.47
CA PRO B 112 12.27 12.75 5.99
C PRO B 112 13.79 12.66 5.85
N GLN B 113 14.30 11.43 6.01
CA GLN B 113 15.67 11.13 5.64
C GLN B 113 15.61 10.34 4.34
N VAL B 114 16.41 10.74 3.36
CA VAL B 114 16.41 10.08 2.07
C VAL B 114 17.71 9.31 1.82
N TYR B 115 17.58 8.01 1.61
CA TYR B 115 18.73 7.16 1.35
C TYR B 115 18.57 6.37 0.04
N THR B 116 19.61 6.39 -0.78
CA THR B 116 19.63 5.57 -1.99
C THR B 116 20.43 4.29 -1.75
N LEU B 117 19.94 3.18 -2.29
CA LEU B 117 20.62 1.89 -2.15
C LEU B 117 20.82 1.27 -3.53
N PRO B 118 22.05 0.82 -3.81
CA PRO B 118 22.41 0.20 -5.10
C PRO B 118 21.81 -1.21 -5.22
N PRO B 119 21.89 -1.82 -6.41
CA PRO B 119 21.38 -3.18 -6.55
C PRO B 119 22.11 -4.17 -5.64
N SER B 120 21.41 -5.19 -5.18
CA SER B 120 22.04 -6.31 -4.50
C SER B 120 23.02 -6.97 -5.47
N ARG B 121 24.13 -7.49 -4.95
CA ARG B 121 25.09 -8.18 -5.79
C ARG B 121 24.43 -9.36 -6.51
N GLU B 122 23.50 -10.01 -5.82
CA GLU B 122 22.77 -11.15 -6.38
C GLU B 122 21.93 -10.77 -7.59
N GLU B 123 21.49 -9.52 -7.65
CA GLU B 123 20.61 -9.09 -8.74
C GLU B 123 21.41 -8.75 -10.00
N MET B 124 22.73 -8.62 -9.86
CA MET B 124 23.58 -8.23 -10.99
C MET B 124 23.69 -9.30 -12.08
N THR B 125 23.03 -10.43 -11.90
CA THR B 125 23.01 -11.48 -12.92
C THR B 125 21.82 -11.31 -13.87
N LYS B 126 20.93 -10.36 -13.56
CA LYS B 126 19.76 -10.11 -14.38
C LYS B 126 20.06 -9.04 -15.43
N ASN B 127 19.17 -8.92 -16.42
CA ASN B 127 19.32 -7.91 -17.45
C ASN B 127 18.87 -6.54 -16.96
N GLN B 128 17.96 -6.55 -15.99
CA GLN B 128 17.50 -5.30 -15.36
C GLN B 128 17.77 -5.33 -13.87
N VAL B 129 18.15 -4.19 -13.31
CA VAL B 129 18.45 -4.10 -11.88
C VAL B 129 17.61 -3.05 -11.19
N SER B 130 17.48 -3.18 -9.88
CA SER B 130 16.64 -2.30 -9.10
C SER B 130 17.47 -1.27 -8.33
N LEU B 131 17.19 0.00 -8.57
CA LEU B 131 17.74 1.07 -7.74
C LEU B 131 16.70 1.48 -6.70
N THR B 132 17.12 1.54 -5.44
CA THR B 132 16.18 1.73 -4.34
C THR B 132 16.36 3.07 -3.65
N CYS B 133 15.24 3.73 -3.35
CA CYS B 133 15.27 4.97 -2.58
C CYS B 133 14.43 4.83 -1.31
N LEU B 134 15.11 4.77 -0.17
CA LEU B 134 14.43 4.69 1.11
C LEU B 134 14.18 6.07 1.70
N VAL B 135 12.92 6.37 1.98
CA VAL B 135 12.55 7.64 2.60
C VAL B 135 11.82 7.36 3.91
N LYS B 136 12.45 7.72 5.03
CA LYS B 136 11.88 7.39 6.33
C LYS B 136 11.79 8.59 7.27
N GLY B 137 10.87 8.51 8.23
CA GLY B 137 10.76 9.48 9.30
C GLY B 137 9.96 10.74 8.98
N PHE B 138 9.17 10.69 7.92
CA PHE B 138 8.42 11.89 7.54
C PHE B 138 7.00 11.88 8.07
N TYR B 139 6.51 13.07 8.37
CA TYR B 139 5.12 13.28 8.75
C TYR B 139 4.69 14.67 8.29
N PRO B 140 3.48 14.82 7.74
CA PRO B 140 2.50 13.76 7.46
C PRO B 140 2.90 12.88 6.29
N SER B 141 2.01 11.94 5.93
CA SER B 141 2.31 10.94 4.90
C SER B 141 2.25 11.51 3.49
N ASP B 142 1.69 12.71 3.34
CA ASP B 142 1.63 13.37 2.04
C ASP B 142 3.04 13.63 1.52
N ILE B 143 3.36 13.02 0.38
CA ILE B 143 4.71 13.07 -0.16
C ILE B 143 4.74 12.71 -1.64
N ALA B 144 5.78 13.16 -2.34
CA ALA B 144 5.97 12.82 -3.73
C ALA B 144 7.41 12.39 -3.97
N VAL B 145 7.60 11.32 -4.74
CA VAL B 145 8.94 10.83 -5.05
C VAL B 145 9.10 10.63 -6.55
N GLU B 146 10.19 11.13 -7.10
CA GLU B 146 10.49 10.99 -8.52
C GLU B 146 11.92 10.56 -8.78
N TRP B 147 12.17 10.02 -9.97
CA TRP B 147 13.52 9.67 -10.40
C TRP B 147 13.89 10.42 -11.65
N GLU B 148 15.19 10.66 -11.82
CA GLU B 148 15.69 11.28 -13.04
C GLU B 148 17.14 10.95 -13.26
N SER B 149 17.62 11.20 -14.48
CA SER B 149 19.00 10.92 -14.85
C SER B 149 19.42 11.84 -15.98
N ASN B 150 20.58 12.49 -15.81
CA ASN B 150 21.07 13.47 -16.77
C ASN B 150 20.01 14.53 -17.07
N GLY B 151 19.41 15.07 -16.02
CA GLY B 151 18.46 16.16 -16.14
C GLY B 151 17.07 15.74 -16.57
N GLN B 152 16.91 14.47 -16.94
CA GLN B 152 15.66 14.02 -17.52
C GLN B 152 14.98 12.92 -16.72
N PRO B 153 13.64 12.98 -16.65
CA PRO B 153 12.85 12.04 -15.84
C PRO B 153 12.98 10.59 -16.27
N GLU B 154 13.26 9.71 -15.31
CA GLU B 154 13.10 8.27 -15.50
C GLU B 154 11.69 7.94 -15.06
N ASN B 155 11.02 7.05 -15.78
CA ASN B 155 9.62 6.80 -15.49
C ASN B 155 9.27 5.33 -15.28
N ASN B 156 10.27 4.47 -15.38
CA ASN B 156 10.08 3.06 -15.08
C ASN B 156 10.32 2.78 -13.61
N TYR B 157 9.64 3.52 -12.75
CA TYR B 157 9.76 3.30 -11.32
C TYR B 157 8.38 3.10 -10.69
N LYS B 158 8.36 2.48 -9.52
CA LYS B 158 7.16 2.34 -8.72
C LYS B 158 7.47 2.69 -7.27
N THR B 159 6.50 3.29 -6.59
CA THR B 159 6.72 3.72 -5.22
C THR B 159 5.66 3.10 -4.31
N THR B 160 6.12 2.44 -3.25
CA THR B 160 5.19 1.87 -2.27
C THR B 160 4.39 2.99 -1.60
N PRO B 161 3.19 2.66 -1.11
CA PRO B 161 2.44 3.65 -0.33
C PRO B 161 3.22 3.98 0.94
N PRO B 162 2.89 5.10 1.60
CA PRO B 162 3.53 5.38 2.89
C PRO B 162 3.13 4.32 3.92
N VAL B 163 4.07 3.92 4.76
CA VAL B 163 3.78 2.92 5.78
C VAL B 163 4.09 3.46 7.17
N LEU B 164 3.13 3.30 8.08
CA LEU B 164 3.28 3.78 9.45
C LEU B 164 4.39 3.01 10.16
N ASP B 165 5.36 3.74 10.71
CA ASP B 165 6.47 3.13 11.43
C ASP B 165 6.18 3.06 12.93
N SER B 166 7.11 2.46 13.68
CA SER B 166 6.96 2.29 15.12
C SER B 166 6.76 3.62 15.84
N ASP B 167 7.45 4.65 15.39
CA ASP B 167 7.48 5.91 16.10
C ASP B 167 6.43 6.91 15.63
N GLY B 168 5.44 6.44 14.87
CA GLY B 168 4.37 7.30 14.41
C GLY B 168 4.70 8.09 13.15
N SER B 169 5.96 8.05 12.73
CA SER B 169 6.35 8.65 11.46
C SER B 169 6.11 7.66 10.35
N PHE B 170 6.20 8.12 9.11
CA PHE B 170 5.99 7.25 7.96
C PHE B 170 7.29 6.95 7.23
N PHE B 171 7.29 5.86 6.48
CA PHE B 171 8.40 5.58 5.57
C PHE B 171 7.84 4.99 4.27
N LEU B 172 8.67 4.99 3.24
CA LEU B 172 8.34 4.27 2.01
C LEU B 172 9.60 3.85 1.29
N TYR B 173 9.41 3.05 0.25
CA TYR B 173 10.48 2.75 -0.68
C TYR B 173 10.04 3.09 -2.10
N SER B 174 10.97 3.61 -2.89
CA SER B 174 10.71 3.77 -4.32
C SER B 174 11.71 2.92 -5.09
N LYS B 175 11.21 2.18 -6.08
CA LYS B 175 12.06 1.28 -6.83
C LYS B 175 12.16 1.70 -8.29
N LEU B 176 13.38 2.02 -8.72
CA LEU B 176 13.64 2.31 -10.12
C LEU B 176 14.29 1.13 -10.81
N THR B 177 13.75 0.74 -11.97
CA THR B 177 14.30 -0.35 -12.74
C THR B 177 15.03 0.18 -13.97
N VAL B 178 16.32 -0.17 -14.08
CA VAL B 178 17.10 0.24 -15.24
C VAL B 178 17.78 -0.98 -15.86
N ASP B 179 18.18 -0.86 -17.12
CA ASP B 179 19.01 -1.87 -17.75
C ASP B 179 20.32 -1.95 -17.00
N LYS B 180 20.81 -3.16 -16.77
CA LYS B 180 22.08 -3.35 -16.08
C LYS B 180 23.20 -2.57 -16.76
N SER B 181 23.19 -2.59 -18.08
CA SER B 181 24.21 -1.91 -18.87
C SER B 181 24.31 -0.43 -18.54
N ARG B 182 23.15 0.23 -18.41
CA ARG B 182 23.12 1.65 -18.05
C ARG B 182 23.76 1.90 -16.70
N TRP B 183 23.57 0.96 -15.80
CA TRP B 183 24.17 1.03 -14.47
C TRP B 183 25.68 0.82 -14.55
N GLN B 184 26.09 -0.20 -15.31
CA GLN B 184 27.50 -0.54 -15.48
C GLN B 184 28.30 0.58 -16.10
N GLN B 185 27.64 1.41 -16.90
CA GLN B 185 28.32 2.47 -17.66
C GLN B 185 28.49 3.76 -16.86
N GLY B 186 28.07 3.74 -15.61
CA GLY B 186 28.31 4.86 -14.72
C GLY B 186 27.27 5.97 -14.80
N ASN B 187 26.12 5.68 -15.38
CA ASN B 187 25.04 6.66 -15.40
C ASN B 187 24.56 7.01 -13.99
N VAL B 188 24.40 8.30 -13.73
CA VAL B 188 23.98 8.77 -12.43
C VAL B 188 22.45 8.87 -12.34
N PHE B 189 21.89 8.33 -11.27
CA PHE B 189 20.45 8.34 -11.06
C PHE B 189 20.09 9.10 -9.79
N SER B 190 19.03 9.89 -9.85
CA SER B 190 18.65 10.72 -8.72
C SER B 190 17.25 10.42 -8.19
N CYS B 191 17.14 10.35 -6.87
CA CYS B 191 15.85 10.21 -6.20
C CYS B 191 15.44 11.56 -5.63
N SER B 192 14.41 12.16 -6.21
CA SER B 192 13.92 13.45 -5.74
C SER B 192 12.71 13.27 -4.84
N VAL B 193 12.75 13.91 -3.68
CA VAL B 193 11.66 13.80 -2.71
C VAL B 193 11.08 15.17 -2.39
N MET B 194 9.76 15.25 -2.39
CA MET B 194 9.07 16.50 -2.06
C MET B 194 8.14 16.34 -0.86
N HIS B 195 8.36 17.16 0.17
CA HIS B 195 7.62 17.05 1.43
C HIS B 195 7.69 18.38 2.16
N GLU B 196 6.65 18.72 2.92
CA GLU B 196 6.55 20.05 3.50
C GLU B 196 7.61 20.32 4.58
N ALA B 197 8.10 19.26 5.21
CA ALA B 197 9.07 19.42 6.29
C ALA B 197 10.51 19.52 5.77
N LEU B 198 10.65 19.56 4.45
CA LEU B 198 11.95 19.74 3.82
C LEU B 198 12.16 21.19 3.42
N HIS B 199 13.40 21.66 3.50
CA HIS B 199 13.76 22.98 3.00
C HIS B 199 13.42 23.03 1.51
N ASN B 200 12.77 24.13 1.11
CA ASN B 200 12.29 24.30 -0.26
C ASN B 200 11.29 23.23 -0.68
N HIS B 201 10.77 22.46 0.29
CA HIS B 201 9.89 21.31 0.03
C HIS B 201 10.57 20.28 -0.90
N TYR B 202 11.89 20.31 -0.97
CA TYR B 202 12.59 19.49 -1.96
C TYR B 202 13.99 19.09 -1.50
N THR B 203 14.30 17.81 -1.67
CA THR B 203 15.68 17.33 -1.53
C THR B 203 15.93 16.26 -2.57
N GLN B 204 17.19 15.95 -2.80
CA GLN B 204 17.55 14.97 -3.82
C GLN B 204 18.78 14.17 -3.41
N LYS B 205 18.79 12.89 -3.74
CA LYS B 205 19.94 12.03 -3.51
C LYS B 205 20.32 11.35 -4.81
N SER B 206 21.61 11.20 -5.04
CA SER B 206 22.08 10.55 -6.26
C SER B 206 22.69 9.19 -5.99
N LEU B 207 22.85 8.41 -7.06
CA LEU B 207 23.25 7.02 -6.96
C LEU B 207 23.90 6.56 -8.27
N SER B 208 25.09 5.99 -8.17
CA SER B 208 25.80 5.47 -9.33
C SER B 208 26.82 4.42 -8.92
N LEU B 209 27.25 3.61 -9.88
CA LEU B 209 28.28 2.62 -9.65
C LEU B 209 29.54 3.31 -9.15
N SER B 210 29.97 2.97 -7.94
CA SER B 210 31.01 3.72 -7.26
C SER B 210 31.77 2.86 -6.24
N PRO B 211 32.96 3.32 -5.80
CA PRO B 211 33.74 2.64 -4.78
C PRO B 211 32.95 2.32 -3.53
N GLY B 212 32.98 1.05 -3.12
CA GLY B 212 32.31 0.65 -1.90
C GLY B 212 33.10 1.07 -0.67
N PHE C 3 9.24 -24.40 12.64
CA PHE C 3 8.46 -25.43 11.95
C PHE C 3 9.34 -26.57 11.46
N ASN C 4 8.70 -27.73 11.28
CA ASN C 4 9.36 -28.96 10.84
C ASN C 4 9.69 -28.91 9.34
N LYS C 5 10.99 -28.91 9.01
CA LYS C 5 11.43 -28.77 7.64
C LYS C 5 11.05 -29.97 6.77
N GLU C 6 11.29 -31.18 7.28
CA GLU C 6 11.01 -32.39 6.52
C GLU C 6 9.53 -32.52 6.21
N GLN C 7 8.70 -32.16 7.19
CA GLN C 7 7.25 -32.18 7.00
C GLN C 7 6.83 -31.19 5.91
N GLN C 8 7.29 -29.94 6.06
CA GLN C 8 6.97 -28.90 5.09
C GLN C 8 7.41 -29.28 3.67
N ASN C 9 8.59 -29.88 3.58
CA ASN C 9 9.14 -30.30 2.29
C ASN C 9 8.31 -31.42 1.67
N ALA C 10 7.95 -32.41 2.49
CA ALA C 10 7.15 -33.54 2.03
C ALA C 10 5.78 -33.07 1.55
N PHE C 11 5.18 -32.14 2.30
CA PHE C 11 3.90 -31.54 1.91
C PHE C 11 3.99 -30.86 0.56
N TYR C 12 5.04 -30.06 0.36
CA TYR C 12 5.20 -29.30 -0.88
C TYR C 12 5.25 -30.21 -2.09
N GLU C 13 6.06 -31.26 -2.02
CA GLU C 13 6.29 -32.14 -3.17
C GLU C 13 5.07 -32.96 -3.52
N ILE C 14 4.41 -33.46 -2.49
CA ILE C 14 3.20 -34.25 -2.65
C ILE C 14 2.12 -33.40 -3.28
N LEU C 15 2.12 -32.11 -2.93
CA LEU C 15 1.19 -31.15 -3.50
C LEU C 15 1.36 -31.04 -5.01
N HIS C 16 2.60 -31.25 -5.47
CA HIS C 16 2.91 -31.06 -6.88
C HIS C 16 3.12 -32.34 -7.69
N LEU C 17 2.95 -33.50 -7.06
CA LEU C 17 3.09 -34.75 -7.78
C LEU C 17 1.96 -34.86 -8.81
N PRO C 18 2.31 -34.90 -10.10
CA PRO C 18 1.36 -34.71 -11.19
C PRO C 18 0.42 -35.89 -11.45
N ASN C 19 0.81 -37.10 -11.04
CA ASN C 19 0.03 -38.28 -11.39
C ASN C 19 -0.83 -38.85 -10.28
N LEU C 20 -0.83 -38.21 -9.11
CA LEU C 20 -1.76 -38.58 -8.05
C LEU C 20 -3.13 -37.98 -8.38
N ASN C 21 -4.20 -38.62 -7.93
CA ASN C 21 -5.52 -38.01 -8.03
C ASN C 21 -5.80 -37.28 -6.73
N GLU C 22 -6.86 -36.47 -6.72
CA GLU C 22 -7.20 -35.65 -5.56
C GLU C 22 -7.29 -36.47 -4.27
N GLU C 23 -7.93 -37.63 -4.34
CA GLU C 23 -8.17 -38.45 -3.15
C GLU C 23 -6.87 -38.98 -2.59
N GLN C 24 -5.99 -39.42 -3.47
CA GLN C 24 -4.69 -39.96 -3.07
C GLN C 24 -3.85 -38.86 -2.43
N ARG C 25 -3.79 -37.72 -3.10
CA ARG C 25 -3.03 -36.57 -2.61
C ARG C 25 -3.54 -36.10 -1.25
N ASN C 26 -4.84 -35.93 -1.11
CA ASN C 26 -5.45 -35.50 0.13
C ASN C 26 -5.13 -36.45 1.28
N ALA C 27 -5.05 -37.74 0.97
CA ALA C 27 -4.86 -38.76 1.99
C ALA C 27 -3.42 -38.73 2.53
N PHE C 28 -2.45 -38.62 1.64
CA PHE C 28 -1.06 -38.47 2.06
C PHE C 28 -0.88 -37.23 2.93
N ILE C 29 -1.46 -36.12 2.48
CA ILE C 29 -1.35 -34.85 3.20
C ILE C 29 -1.98 -34.92 4.59
N GLN C 30 -3.16 -35.53 4.68
CA GLN C 30 -3.82 -35.74 5.96
C GLN C 30 -2.91 -36.50 6.93
N SER C 31 -2.31 -37.59 6.44
CA SER C 31 -1.39 -38.39 7.25
C SER C 31 -0.19 -37.55 7.71
N LEU C 32 0.33 -36.71 6.81
CA LEU C 32 1.37 -35.74 7.16
C LEU C 32 0.96 -34.85 8.31
N LYS C 33 -0.25 -34.28 8.22
CA LYS C 33 -0.78 -33.43 9.28
C LYS C 33 -0.85 -34.19 10.59
N ASP C 34 -1.43 -35.39 10.54
CA ASP C 34 -1.67 -36.18 11.74
C ASP C 34 -0.38 -36.70 12.40
N ASP C 35 0.62 -37.04 11.60
CA ASP C 35 1.88 -37.54 12.15
C ASP C 35 3.09 -36.99 11.40
N PRO C 36 3.61 -35.84 11.83
CA PRO C 36 4.79 -35.18 11.24
C PRO C 36 6.01 -36.10 11.12
N SER C 37 6.13 -37.08 12.00
CA SER C 37 7.30 -37.97 12.00
C SER C 37 7.31 -38.94 10.82
N GLN C 38 6.18 -39.04 10.13
CA GLN C 38 6.05 -39.99 9.02
C GLN C 38 6.33 -39.36 7.66
N SER C 39 6.97 -38.20 7.65
CA SER C 39 7.14 -37.43 6.43
C SER C 39 7.96 -38.17 5.38
N ALA C 40 9.14 -38.63 5.79
CA ALA C 40 10.02 -39.39 4.92
C ALA C 40 9.35 -40.58 4.23
N ASN C 41 8.71 -41.45 5.00
CA ASN C 41 8.06 -42.62 4.41
C ASN C 41 6.88 -42.21 3.52
N LEU C 42 6.06 -41.27 3.98
CA LEU C 42 4.89 -40.83 3.21
C LEU C 42 5.31 -40.19 1.88
N LEU C 43 6.46 -39.52 1.86
CA LEU C 43 6.93 -38.89 0.64
C LEU C 43 7.46 -39.94 -0.33
N ALA C 44 8.19 -40.92 0.21
CA ALA C 44 8.70 -42.03 -0.60
C ALA C 44 7.54 -42.84 -1.16
N GLU C 45 6.54 -43.08 -0.32
CA GLU C 45 5.34 -43.80 -0.70
C GLU C 45 4.61 -43.08 -1.83
N ALA C 46 4.46 -41.77 -1.69
CA ALA C 46 3.74 -40.96 -2.68
C ALA C 46 4.50 -40.86 -3.99
N LYS C 47 5.83 -40.75 -3.90
CA LYS C 47 6.68 -40.71 -5.09
C LYS C 47 6.51 -41.96 -5.97
N LYS C 48 6.54 -43.13 -5.33
CA LYS C 48 6.43 -44.39 -6.07
C LYS C 48 5.06 -44.53 -6.72
N LEU C 49 4.01 -44.18 -5.97
CA LEU C 49 2.65 -44.25 -6.50
C LEU C 49 2.52 -43.32 -7.71
N ASN C 50 3.10 -42.14 -7.61
CA ASN C 50 3.13 -41.19 -8.72
C ASN C 50 3.85 -41.75 -9.95
N ASP C 51 4.99 -42.38 -9.72
CA ASP C 51 5.79 -42.97 -10.79
C ASP C 51 5.09 -44.19 -11.38
N ALA C 52 4.45 -44.97 -10.51
CA ALA C 52 3.66 -46.13 -10.94
C ALA C 52 2.50 -45.71 -11.84
N GLN C 53 1.96 -44.52 -11.60
CA GLN C 53 0.83 -44.04 -12.39
C GLN C 53 1.26 -43.10 -13.50
N ALA C 54 2.52 -43.18 -13.90
CA ALA C 54 3.02 -42.47 -15.07
C ALA C 54 2.54 -43.24 -16.31
N PRO C 55 2.27 -42.53 -17.42
CA PRO C 55 1.91 -43.23 -18.66
C PRO C 55 2.99 -44.21 -19.12
N MET D 1 12.27 18.45 -12.13
CA MET D 1 11.06 18.77 -12.88
C MET D 1 11.19 20.07 -13.63
N LYS D 2 12.39 20.32 -14.18
CA LYS D 2 12.72 21.55 -14.88
C LYS D 2 12.47 22.81 -14.02
N PHE D 3 11.97 22.64 -12.80
CA PHE D 3 11.37 23.74 -12.07
C PHE D 3 12.40 24.77 -11.62
N ASN D 4 11.91 25.99 -11.46
CA ASN D 4 12.74 27.12 -11.09
C ASN D 4 13.10 27.05 -9.62
N LYS D 5 14.39 26.86 -9.34
CA LYS D 5 14.85 26.71 -7.96
C LYS D 5 14.70 28.00 -7.19
N GLU D 6 15.06 29.11 -7.82
CA GLU D 6 15.00 30.42 -7.17
C GLU D 6 13.57 30.80 -6.81
N GLN D 7 12.64 30.54 -7.72
CA GLN D 7 11.24 30.79 -7.48
C GLN D 7 10.72 29.92 -6.33
N GLN D 8 10.97 28.63 -6.44
CA GLN D 8 10.56 27.66 -5.41
C GLN D 8 11.10 28.03 -4.04
N ASN D 9 12.35 28.48 -4.01
CA ASN D 9 12.99 28.87 -2.76
C ASN D 9 12.35 30.11 -2.16
N ALA D 10 12.07 31.10 -3.02
CA ALA D 10 11.45 32.34 -2.57
C ALA D 10 10.06 32.06 -2.02
N PHE D 11 9.32 31.19 -2.70
CA PHE D 11 8.01 30.74 -2.24
C PHE D 11 8.11 30.08 -0.86
N TYR D 12 9.05 29.16 -0.69
CA TYR D 12 9.19 28.44 0.57
C TYR D 12 9.48 29.37 1.74
N GLU D 13 10.48 30.24 1.59
CA GLU D 13 10.90 31.10 2.68
C GLU D 13 9.83 32.13 3.03
N ILE D 14 9.17 32.68 2.00
CA ILE D 14 8.08 33.62 2.22
C ILE D 14 6.92 32.95 2.97
N LEU D 15 6.70 31.67 2.68
CA LEU D 15 5.67 30.90 3.36
C LEU D 15 5.94 30.81 4.87
N HIS D 16 7.21 30.85 5.24
CA HIS D 16 7.60 30.65 6.64
C HIS D 16 8.02 31.92 7.38
N LEU D 17 7.94 33.07 6.71
CA LEU D 17 8.26 34.34 7.37
C LEU D 17 7.21 34.60 8.44
N PRO D 18 7.65 34.65 9.71
CA PRO D 18 6.72 34.61 10.85
C PRO D 18 5.94 35.91 11.10
N ASN D 19 6.42 37.04 10.60
CA ASN D 19 5.81 38.32 10.94
C ASN D 19 4.96 38.94 9.83
N LEU D 20 4.82 38.25 8.70
CA LEU D 20 3.87 38.70 7.69
C LEU D 20 2.46 38.28 8.09
N ASN D 21 1.45 39.03 7.69
CA ASN D 21 0.07 38.58 7.86
C ASN D 21 -0.38 37.85 6.60
N GLU D 22 -1.52 37.18 6.66
CA GLU D 22 -2.03 36.38 5.55
C GLU D 22 -2.07 37.17 4.24
N GLU D 23 -2.55 38.40 4.30
CA GLU D 23 -2.76 39.20 3.09
C GLU D 23 -1.43 39.57 2.44
N GLN D 24 -0.45 39.92 3.27
CA GLN D 24 0.87 40.30 2.77
C GLN D 24 1.54 39.09 2.13
N ARG D 25 1.52 37.97 2.85
CA ARG D 25 2.10 36.72 2.37
C ARG D 25 1.47 36.27 1.04
N ASN D 26 0.14 36.27 0.98
CA ASN D 26 -0.58 35.88 -0.22
C ASN D 26 -0.22 36.76 -1.42
N ALA D 27 0.03 38.04 -1.15
CA ALA D 27 0.29 38.99 -2.22
C ALA D 27 1.67 38.76 -2.84
N PHE D 28 2.67 38.55 -1.98
CA PHE D 28 4.01 38.23 -2.45
C PHE D 28 4.00 36.95 -3.28
N ILE D 29 3.30 35.94 -2.75
CA ILE D 29 3.22 34.64 -3.42
C ILE D 29 2.55 34.76 -4.79
N GLN D 30 1.46 35.53 -4.87
CA GLN D 30 0.81 35.80 -6.14
C GLN D 30 1.77 36.42 -7.15
N SER D 31 2.51 37.43 -6.70
CA SER D 31 3.50 38.10 -7.54
C SER D 31 4.54 37.12 -8.04
N LEU D 32 4.97 36.22 -7.16
CA LEU D 32 5.85 35.12 -7.52
C LEU D 32 5.28 34.28 -8.65
N LYS D 33 4.01 33.89 -8.52
CA LYS D 33 3.34 33.10 -9.55
C LYS D 33 3.33 33.88 -10.87
N ASP D 34 2.92 35.15 -10.79
CA ASP D 34 2.74 35.97 -11.97
C ASP D 34 4.05 36.31 -12.70
N ASP D 35 5.11 36.55 -11.96
CA ASP D 35 6.39 36.88 -12.58
C ASP D 35 7.58 36.22 -11.86
N PRO D 36 7.93 34.98 -12.25
CA PRO D 36 9.04 34.21 -11.68
C PRO D 36 10.37 34.98 -11.68
N SER D 37 10.55 35.90 -12.63
CA SER D 37 11.81 36.64 -12.75
C SER D 37 12.01 37.65 -11.61
N GLN D 38 10.95 37.92 -10.86
CA GLN D 38 11.01 38.88 -9.75
C GLN D 38 11.24 38.22 -8.39
N SER D 39 11.64 36.96 -8.40
CA SER D 39 11.71 36.18 -7.17
C SER D 39 12.69 36.76 -6.16
N ALA D 40 13.92 37.00 -6.62
CA ALA D 40 14.95 37.64 -5.81
C ALA D 40 14.46 38.93 -5.16
N ASN D 41 13.86 39.80 -5.97
CA ASN D 41 13.36 41.08 -5.46
C ASN D 41 12.22 40.88 -4.46
N LEU D 42 11.28 40.00 -4.80
CA LEU D 42 10.13 39.74 -3.95
C LEU D 42 10.52 39.12 -2.60
N LEU D 43 11.57 38.29 -2.62
CA LEU D 43 12.04 37.65 -1.40
C LEU D 43 12.76 38.66 -0.51
N ALA D 44 13.57 39.52 -1.13
CA ALA D 44 14.24 40.59 -0.41
C ALA D 44 13.22 41.58 0.18
N GLU D 45 12.22 41.91 -0.63
CA GLU D 45 11.15 42.80 -0.20
C GLU D 45 10.39 42.24 0.99
N ALA D 46 10.05 40.95 0.91
CA ALA D 46 9.30 40.28 1.96
C ALA D 46 10.13 40.14 3.24
N LYS D 47 11.42 39.86 3.08
CA LYS D 47 12.32 39.76 4.23
C LYS D 47 12.35 41.05 5.06
N LYS D 48 12.48 42.19 4.39
CA LYS D 48 12.54 43.47 5.09
C LYS D 48 11.24 43.79 5.80
N LEU D 49 10.11 43.56 5.12
CA LEU D 49 8.80 43.79 5.71
C LEU D 49 8.62 42.93 6.95
N ASN D 50 9.06 41.67 6.85
CA ASN D 50 9.02 40.76 7.98
C ASN D 50 9.85 41.25 9.16
N ASP D 51 11.04 41.76 8.85
CA ASP D 51 11.93 42.28 9.87
C ASP D 51 11.39 43.57 10.49
N ALA D 52 10.81 44.42 9.63
CA ALA D 52 10.18 45.67 10.08
C ALA D 52 9.02 45.42 11.04
N GLN D 53 8.33 44.30 10.85
CA GLN D 53 7.18 43.95 11.68
C GLN D 53 7.52 42.97 12.78
N ALA D 54 8.79 42.91 13.16
CA ALA D 54 9.23 42.09 14.28
C ALA D 54 8.88 42.71 15.63
N PRO D 55 8.60 41.85 16.63
CA PRO D 55 8.37 42.29 18.02
C PRO D 55 9.54 43.09 18.58
#